data_6WUS
#
_entry.id   6WUS
#
_cell.length_a   52.138
_cell.length_b   127.935
_cell.length_c   152.158
_cell.angle_alpha   90.00
_cell.angle_beta   90.00
_cell.angle_gamma   90.00
#
_symmetry.space_group_name_H-M   'I 2 2 2'
#
loop_
_entity.id
_entity.type
_entity.pdbx_description
1 polymer 'Metal transporter CNNM2'
2 polymer 'Protein tyrosine phosphatase type IVA 1'
3 water water
#
loop_
_entity_poly.entity_id
_entity_poly.type
_entity_poly.pdbx_seq_one_letter_code
_entity_poly.pdbx_strand_id
1 'polypeptide(L)'
;GSEELNIIQGALELRTKTVEDVMTPLRDCFMITGEAILDFNTMSEIMESGYTRIPVFEGERSNIVDLLFVKDLAFVDPDD
CTPLKTITKFYNHPLHFVFNDTKLDAMLEEFKKGKSHLAIVQRVNNEGEGDPFYEVLGIVTLEDVIEEIIKSE
;
A
2 'polypeptide(L)'
;MGSSHHHHHHPAPVEVTYKNMRFLITHNPTNATLNKFIEELKKYGVTTIVRVCEATYDTTLVEKEGIHVLDWPFDDGAPP
SNQIVDDWLSLVKIKFREEPGCCIAVHDVAGLGRAPVLVALALIEGGMKYEDAVQFIRQKRRGAFNSKQLLYLEKYRPKM
RLRF
;
B
#
# COMPACT_ATOMS: atom_id res chain seq x y z
N SER A 2 -9.07 32.77 27.76
CA SER A 2 -7.67 32.99 27.44
C SER A 2 -7.16 31.87 26.53
N GLU A 3 -6.52 30.87 27.15
CA GLU A 3 -6.21 29.63 26.44
C GLU A 3 -7.48 28.97 25.95
N GLU A 4 -8.53 29.02 26.76
CA GLU A 4 -9.68 28.13 26.59
C GLU A 4 -10.37 28.35 25.25
N LEU A 5 -10.57 29.61 24.86
CA LEU A 5 -11.26 29.86 23.59
C LEU A 5 -10.39 29.48 22.39
N ASN A 6 -9.07 29.63 22.50
CA ASN A 6 -8.19 29.17 21.43
C ASN A 6 -8.27 27.65 21.28
N ILE A 7 -8.15 26.92 22.40
CA ILE A 7 -8.17 25.45 22.33
C ILE A 7 -9.53 24.96 21.86
N ILE A 8 -10.60 25.62 22.30
CA ILE A 8 -11.94 25.28 21.83
C ILE A 8 -12.02 25.45 20.31
N GLN A 9 -11.60 26.60 19.80
CA GLN A 9 -11.65 26.84 18.36
C GLN A 9 -10.87 25.78 17.59
N GLY A 10 -9.67 25.43 18.06
CA GLY A 10 -8.94 24.35 17.42
C GLY A 10 -9.70 23.04 17.42
N ALA A 11 -10.24 22.66 18.58
CA ALA A 11 -11.01 21.43 18.72
C ALA A 11 -12.14 21.37 17.71
N LEU A 12 -12.84 22.49 17.50
CA LEU A 12 -13.92 22.48 16.52
C LEU A 12 -13.36 22.38 15.10
N GLU A 13 -12.24 23.05 14.82
CA GLU A 13 -11.66 22.97 13.48
C GLU A 13 -11.04 21.62 13.18
N LEU A 14 -10.94 20.73 14.17
CA LEU A 14 -10.48 19.37 13.88
C LEU A 14 -11.36 18.70 12.82
N ARG A 15 -12.64 19.07 12.75
CA ARG A 15 -13.57 18.40 11.84
C ARG A 15 -13.36 18.80 10.39
N THR A 16 -12.89 20.01 10.14
CA THR A 16 -12.76 20.52 8.78
C THR A 16 -11.34 20.45 8.25
N LYS A 17 -10.34 20.68 9.09
CA LYS A 17 -8.97 20.64 8.63
C LYS A 17 -8.56 19.20 8.32
N THR A 18 -7.70 19.06 7.32
CA THR A 18 -7.18 17.76 6.94
C THR A 18 -5.76 17.58 7.43
N VAL A 19 -5.37 16.31 7.49
CA VAL A 19 -3.99 15.89 7.66
C VAL A 19 -3.05 16.61 6.71
N GLU A 20 -3.55 16.99 5.52
CA GLU A 20 -2.73 17.71 4.54
C GLU A 20 -2.38 19.12 5.00
N ASP A 21 -3.20 19.72 5.87
CA ASP A 21 -2.98 21.10 6.26
C ASP A 21 -1.86 21.26 7.29
N VAL A 22 -1.63 20.25 8.14
CA VAL A 22 -0.72 20.36 9.27
C VAL A 22 0.53 19.52 9.12
N MET A 23 0.62 18.70 8.07
CA MET A 23 1.77 17.82 7.90
C MET A 23 3.03 18.63 7.62
N THR A 24 4.17 18.06 7.97
CA THR A 24 5.44 18.61 7.50
C THR A 24 5.75 17.94 6.18
N PRO A 25 5.82 18.69 5.07
CA PRO A 25 5.89 18.05 3.76
C PRO A 25 7.17 17.26 3.59
N LEU A 26 7.14 16.33 2.63
CA LEU A 26 8.24 15.39 2.47
C LEU A 26 9.59 16.09 2.39
N ARG A 27 9.63 17.27 1.77
CA ARG A 27 10.90 17.97 1.56
C ARG A 27 11.58 18.36 2.87
N ASP A 28 10.80 18.58 3.93
CA ASP A 28 11.33 19.11 5.18
C ASP A 28 11.37 18.09 6.31
N CYS A 29 10.79 16.90 6.12
CA CYS A 29 10.92 15.85 7.12
C CYS A 29 12.38 15.45 7.28
N PHE A 30 12.79 15.24 8.53
CA PHE A 30 14.13 14.74 8.81
C PHE A 30 14.09 13.22 8.72
N MET A 31 15.00 12.65 7.92
CA MET A 31 14.93 11.25 7.52
C MET A 31 16.32 10.67 7.38
N ILE A 32 16.38 9.34 7.34
CA ILE A 32 17.63 8.59 7.42
C ILE A 32 17.56 7.41 6.45
N THR A 33 18.66 7.13 5.77
CA THR A 33 18.61 6.06 4.79
C THR A 33 18.99 4.72 5.41
N GLY A 34 18.35 3.65 4.92
CA GLY A 34 18.56 2.29 5.43
C GLY A 34 19.98 1.79 5.30
N GLU A 35 20.76 2.33 4.38
CA GLU A 35 22.15 1.96 4.23
C GLU A 35 23.08 2.75 5.14
N ALA A 36 22.53 3.45 6.13
CA ALA A 36 23.37 4.11 7.11
C ALA A 36 24.13 3.08 7.92
N ILE A 37 25.35 3.41 8.31
CA ILE A 37 26.19 2.53 9.09
C ILE A 37 26.29 3.10 10.49
N LEU A 38 25.67 2.43 11.45
CA LEU A 38 25.58 2.96 12.81
C LEU A 38 26.92 2.95 13.52
N ASP A 39 27.90 3.66 12.97
CA ASP A 39 29.15 3.88 13.68
C ASP A 39 29.02 5.06 14.65
N PHE A 40 30.14 5.39 15.30
CA PHE A 40 30.13 6.38 16.37
C PHE A 40 29.52 7.70 15.92
N ASN A 41 30.02 8.25 14.80
CA ASN A 41 29.57 9.56 14.36
C ASN A 41 28.11 9.52 13.91
N THR A 42 27.69 8.46 13.22
CA THR A 42 26.32 8.41 12.72
C THR A 42 25.33 8.34 13.87
N MET A 43 25.59 7.47 14.84
CA MET A 43 24.70 7.35 15.98
C MET A 43 24.66 8.64 16.77
N SER A 44 25.83 9.24 17.01
CA SER A 44 25.88 10.53 17.68
C SER A 44 25.02 11.56 16.96
N GLU A 45 25.13 11.61 15.63
CA GLU A 45 24.35 12.59 14.86
C GLU A 45 22.85 12.30 14.98
N ILE A 46 22.47 11.03 15.02
CA ILE A 46 21.06 10.70 15.21
C ILE A 46 20.58 11.18 16.58
N MET A 47 21.35 10.87 17.64
CA MET A 47 20.95 11.26 18.99
C MET A 47 20.88 12.76 19.15
N GLU A 48 21.89 13.49 18.65
CA GLU A 48 21.98 14.94 18.87
C GLU A 48 20.86 15.70 18.19
N SER A 49 20.11 15.06 17.29
CA SER A 49 19.05 15.74 16.55
C SER A 49 17.85 16.07 17.43
N GLY A 50 17.68 15.39 18.55
CA GLY A 50 16.53 15.61 19.41
C GLY A 50 15.27 14.88 19.01
N TYR A 51 15.24 14.24 17.85
CA TYR A 51 14.07 13.48 17.42
C TYR A 51 14.03 12.15 18.14
N THR A 52 12.87 11.79 18.68
CA THR A 52 12.75 10.45 19.25
C THR A 52 12.55 9.38 18.18
N ARG A 53 11.84 9.67 17.09
CA ARG A 53 11.68 8.69 16.02
C ARG A 53 11.94 9.35 14.67
N ILE A 54 12.58 8.59 13.79
CA ILE A 54 13.10 9.09 12.52
C ILE A 54 12.67 8.15 11.43
N PRO A 55 11.92 8.59 10.42
CA PRO A 55 11.60 7.73 9.27
C PRO A 55 12.86 7.25 8.57
N VAL A 56 12.82 6.01 8.10
CA VAL A 56 13.91 5.35 7.39
C VAL A 56 13.44 5.04 5.98
N PHE A 57 14.17 5.56 5.00
CA PHE A 57 13.92 5.32 3.59
C PHE A 57 15.02 4.50 2.93
N GLU A 58 14.66 3.91 1.78
CA GLU A 58 15.57 3.16 0.93
C GLU A 58 15.44 3.67 -0.50
N GLY A 59 16.51 4.25 -1.03
CA GLY A 59 16.52 4.69 -2.42
C GLY A 59 16.19 6.16 -2.59
N GLU A 60 14.91 6.45 -2.83
CA GLU A 60 14.40 7.81 -2.84
C GLU A 60 13.55 8.02 -1.60
N ARG A 61 13.58 9.27 -1.07
CA ARG A 61 12.93 9.57 0.21
C ARG A 61 11.43 9.30 0.17
N SER A 62 10.83 9.25 -1.02
CA SER A 62 9.44 8.82 -1.14
C SER A 62 9.26 7.38 -0.63
N ASN A 63 10.31 6.56 -0.72
CA ASN A 63 10.22 5.15 -0.38
C ASN A 63 10.55 4.95 1.10
N ILE A 64 9.57 5.22 1.94
CA ILE A 64 9.74 5.14 3.39
C ILE A 64 9.40 3.73 3.84
N VAL A 65 10.37 3.05 4.45
CA VAL A 65 10.22 1.62 4.73
C VAL A 65 10.12 1.31 6.22
N ASP A 66 10.69 2.10 7.11
CA ASP A 66 10.53 1.75 8.52
C ASP A 66 10.72 2.99 9.38
N LEU A 67 10.68 2.78 10.71
CA LEU A 67 10.86 3.84 11.69
C LEU A 67 11.99 3.45 12.63
N LEU A 68 12.93 4.36 12.83
CA LEU A 68 14.01 4.15 13.78
C LEU A 68 13.68 4.97 15.02
N PHE A 69 13.35 4.30 16.10
CA PHE A 69 13.26 4.96 17.39
C PHE A 69 14.65 5.07 17.98
N VAL A 70 14.92 6.18 18.65
CA VAL A 70 16.25 6.35 19.23
C VAL A 70 16.53 5.26 20.25
N LYS A 71 15.52 4.88 21.04
CA LYS A 71 15.68 3.80 22.00
C LYS A 71 16.12 2.50 21.33
N ASP A 72 15.80 2.32 20.04
CA ASP A 72 16.21 1.12 19.32
C ASP A 72 17.71 0.95 19.28
N LEU A 73 18.48 2.02 19.50
CA LEU A 73 19.94 1.92 19.51
C LEU A 73 20.48 1.50 20.86
N ALA A 74 19.62 1.03 21.75
CA ALA A 74 19.94 0.82 23.17
C ALA A 74 21.33 0.23 23.39
N PHE A 75 21.59 -0.96 22.87
CA PHE A 75 22.83 -1.66 23.21
C PHE A 75 23.71 -1.90 21.99
N VAL A 76 23.59 -1.04 20.97
CA VAL A 76 24.39 -1.20 19.75
C VAL A 76 25.82 -0.77 20.00
N ASP A 77 26.76 -1.55 19.48
CA ASP A 77 28.17 -1.24 19.62
C ASP A 77 28.64 -0.43 18.41
N PRO A 78 29.21 0.77 18.62
CA PRO A 78 29.75 1.51 17.47
C PRO A 78 30.90 0.80 16.77
N ASP A 79 31.75 0.09 17.52
CA ASP A 79 32.89 -0.60 16.92
C ASP A 79 32.46 -1.67 15.92
N ASP A 80 31.20 -2.09 15.93
CA ASP A 80 30.76 -3.17 15.07
C ASP A 80 30.14 -2.68 13.77
N CYS A 81 29.76 -1.40 13.69
CA CYS A 81 29.27 -0.78 12.46
C CYS A 81 28.04 -1.50 11.90
N THR A 82 27.16 -1.94 12.79
CA THR A 82 25.98 -2.66 12.37
C THR A 82 25.14 -1.76 11.47
N PRO A 83 24.83 -2.17 10.24
CA PRO A 83 23.98 -1.34 9.38
C PRO A 83 22.64 -1.06 10.03
N LEU A 84 22.03 0.04 9.62
CA LEU A 84 20.77 0.46 10.20
C LEU A 84 19.64 -0.52 9.88
N LYS A 85 19.64 -1.09 8.67
CA LYS A 85 18.55 -2.00 8.30
C LYS A 85 18.44 -3.19 9.25
N THR A 86 19.58 -3.68 9.75
CA THR A 86 19.56 -4.75 10.76
C THR A 86 18.77 -4.33 11.99
N ILE A 87 19.13 -3.18 12.58
CA ILE A 87 18.41 -2.69 13.75
C ILE A 87 16.93 -2.54 13.44
N THR A 88 16.62 -1.94 12.31
CA THR A 88 15.27 -1.89 11.76
C THR A 88 14.58 -3.26 11.83
N LYS A 89 15.33 -4.33 11.58
CA LYS A 89 14.74 -5.66 11.60
C LYS A 89 14.60 -6.23 13.01
N PHE A 90 15.30 -5.68 14.00
CA PHE A 90 15.14 -6.18 15.36
C PHE A 90 13.93 -5.61 16.09
N TYR A 91 13.30 -4.56 15.59
CA TYR A 91 12.25 -3.89 16.34
C TYR A 91 11.03 -3.65 15.46
N ASN A 92 9.85 -3.85 16.04
CA ASN A 92 8.58 -3.65 15.35
C ASN A 92 7.98 -2.31 15.76
N HIS A 93 7.85 -1.40 14.79
CA HIS A 93 7.21 -0.11 15.01
C HIS A 93 6.18 0.11 13.90
N PRO A 94 4.89 0.02 14.19
CA PRO A 94 3.88 0.10 13.13
C PRO A 94 4.02 1.37 12.30
N LEU A 95 3.70 1.25 11.03
CA LEU A 95 3.96 2.24 9.97
C LEU A 95 2.65 2.64 9.31
N HIS A 96 1.93 3.57 9.92
CA HIS A 96 0.61 3.94 9.41
C HIS A 96 0.71 4.83 8.18
N PHE A 97 -0.19 4.62 7.23
CA PHE A 97 -0.36 5.50 6.08
C PHE A 97 -1.81 5.98 6.05
N VAL A 98 -2.01 7.24 5.60
CA VAL A 98 -3.34 7.84 5.58
C VAL A 98 -3.42 8.78 4.38
N PHE A 99 -4.64 9.05 3.95
CA PHE A 99 -4.90 9.90 2.80
C PHE A 99 -5.07 11.35 3.24
N ASN A 100 -4.61 12.26 2.36
CA ASN A 100 -4.77 13.70 2.51
C ASN A 100 -6.17 14.12 2.88
N ASP A 101 -7.17 13.29 2.58
CA ASP A 101 -8.55 13.59 2.91
C ASP A 101 -8.80 13.57 4.42
N THR A 102 -8.07 12.71 5.13
CA THR A 102 -8.43 12.38 6.52
C THR A 102 -8.50 13.62 7.40
N LYS A 103 -9.68 13.88 7.95
CA LYS A 103 -9.87 14.99 8.87
C LYS A 103 -9.03 14.80 10.13
N LEU A 104 -8.84 15.90 10.88
CA LEU A 104 -7.93 15.87 12.00
C LEU A 104 -8.52 15.16 13.23
N ASP A 105 -9.84 15.14 13.39
CA ASP A 105 -10.39 14.42 14.53
C ASP A 105 -10.22 12.91 14.35
N ALA A 106 -10.43 12.42 13.14
CA ALA A 106 -10.26 11.00 12.87
C ALA A 106 -8.81 10.59 13.06
N MET A 107 -7.88 11.37 12.52
CA MET A 107 -6.47 11.11 12.74
C MET A 107 -6.15 11.13 14.22
N LEU A 108 -6.72 12.09 14.95
CA LEU A 108 -6.49 12.16 16.40
C LEU A 108 -6.94 10.87 17.08
N GLU A 109 -8.06 10.30 16.64
CA GLU A 109 -8.56 9.13 17.34
C GLU A 109 -7.76 7.87 16.98
N GLU A 110 -7.30 7.76 15.73
CA GLU A 110 -6.32 6.73 15.41
C GLU A 110 -5.07 6.88 16.28
N PHE A 111 -4.57 8.11 16.43
CA PHE A 111 -3.40 8.33 17.28
C PHE A 111 -3.68 7.86 18.71
N LYS A 112 -4.87 8.17 19.24
CA LYS A 112 -5.20 7.78 20.59
C LYS A 112 -5.22 6.26 20.75
N LYS A 113 -5.76 5.55 19.76
CA LYS A 113 -5.77 4.09 19.86
C LYS A 113 -4.36 3.53 19.77
N GLY A 114 -3.66 3.88 18.69
CA GLY A 114 -2.52 3.12 18.24
C GLY A 114 -1.32 3.18 19.17
N LYS A 115 -0.28 2.48 18.74
CA LYS A 115 1.03 2.57 19.35
C LYS A 115 1.97 3.49 18.59
N SER A 116 1.67 3.75 17.31
CA SER A 116 2.45 4.69 16.51
C SER A 116 1.79 6.06 16.56
N HIS A 117 2.60 7.09 16.82
CA HIS A 117 2.15 8.47 16.87
C HIS A 117 2.59 9.25 15.64
N LEU A 118 2.58 8.60 14.48
CA LEU A 118 3.10 9.16 13.26
C LEU A 118 2.46 8.45 12.09
N ALA A 119 2.33 9.17 10.97
CA ALA A 119 1.60 8.65 9.82
C ALA A 119 2.12 9.29 8.53
N ILE A 120 2.31 8.48 7.50
CA ILE A 120 2.70 8.99 6.19
C ILE A 120 1.45 9.48 5.45
N VAL A 121 1.56 10.67 4.86
CA VAL A 121 0.44 11.30 4.16
C VAL A 121 0.63 11.07 2.67
N GLN A 122 -0.29 10.29 2.08
CA GLN A 122 -0.28 9.95 0.67
C GLN A 122 -1.53 10.49 -0.04
N ARG A 123 -1.37 10.79 -1.33
CA ARG A 123 -2.45 11.15 -2.23
C ARG A 123 -2.50 10.15 -3.37
N VAL A 124 -3.61 10.17 -4.11
CA VAL A 124 -3.77 9.37 -5.31
C VAL A 124 -3.93 10.32 -6.48
N ASN A 125 -3.23 10.04 -7.59
CA ASN A 125 -3.32 10.86 -8.79
C ASN A 125 -3.93 10.06 -9.93
N ASN A 126 -5.04 10.57 -10.47
CA ASN A 126 -5.72 9.97 -11.61
C ASN A 126 -5.12 10.38 -12.94
N GLU A 127 -4.10 11.24 -12.92
CA GLU A 127 -3.55 11.84 -14.13
C GLU A 127 -2.24 11.14 -14.49
N GLY A 128 -2.29 10.23 -15.46
CA GLY A 128 -1.10 9.54 -15.88
C GLY A 128 -1.28 8.68 -17.10
N GLU A 129 -0.21 8.56 -17.90
CA GLU A 129 -0.16 7.62 -19.00
C GLU A 129 0.14 6.20 -18.52
N GLY A 130 -0.04 5.95 -17.22
CA GLY A 130 0.14 4.64 -16.62
C GLY A 130 -0.82 4.43 -15.47
N ASP A 131 -0.63 3.36 -14.70
CA ASP A 131 -1.58 3.03 -13.66
C ASP A 131 -1.53 4.06 -12.53
N PRO A 132 -2.66 4.31 -11.87
CA PRO A 132 -2.67 5.18 -10.69
C PRO A 132 -1.68 4.70 -9.64
N PHE A 133 -1.09 5.65 -8.91
CA PHE A 133 -0.19 5.29 -7.82
C PHE A 133 -0.37 6.24 -6.65
N TYR A 134 -0.17 5.69 -5.45
CA TYR A 134 -0.19 6.49 -4.23
C TYR A 134 1.10 7.31 -4.13
N GLU A 135 0.95 8.63 -4.04
CA GLU A 135 2.07 9.56 -3.94
C GLU A 135 2.17 10.07 -2.51
N VAL A 136 3.27 9.75 -1.83
CA VAL A 136 3.47 10.28 -0.49
C VAL A 136 3.71 11.78 -0.59
N LEU A 137 2.98 12.55 0.22
CA LEU A 137 3.12 13.99 0.31
C LEU A 137 3.88 14.41 1.55
N GLY A 138 3.62 13.77 2.68
CA GLY A 138 4.30 14.22 3.87
C GLY A 138 4.20 13.27 5.03
N ILE A 139 4.31 13.81 6.22
CA ILE A 139 4.22 13.07 7.46
C ILE A 139 3.47 13.93 8.44
N VAL A 140 2.48 13.36 9.11
CA VAL A 140 1.76 14.05 10.17
C VAL A 140 2.00 13.29 11.46
N THR A 141 2.23 14.03 12.53
CA THR A 141 2.45 13.47 13.85
C THR A 141 1.32 13.90 14.77
N LEU A 142 1.24 13.23 15.92
CA LEU A 142 0.32 13.66 16.98
C LEU A 142 0.66 15.07 17.43
N GLU A 143 1.95 15.42 17.41
CA GLU A 143 2.37 16.76 17.80
C GLU A 143 1.87 17.81 16.82
N ASP A 144 1.76 17.47 15.53
CA ASP A 144 1.19 18.43 14.59
C ASP A 144 -0.27 18.72 14.93
N VAL A 145 -1.02 17.65 15.23
CA VAL A 145 -2.44 17.79 15.56
C VAL A 145 -2.63 18.59 16.84
N ILE A 146 -1.82 18.30 17.87
CA ILE A 146 -1.96 19.02 19.14
C ILE A 146 -1.48 20.45 19.01
N GLU A 147 -0.38 20.66 18.30
CA GLU A 147 0.06 21.99 17.92
C GLU A 147 -1.06 22.76 17.22
N GLU A 148 -1.92 22.07 16.48
CA GLU A 148 -3.02 22.77 15.84
C GLU A 148 -4.21 22.97 16.76
N ILE A 149 -4.33 22.20 17.84
CA ILE A 149 -5.40 22.47 18.79
C ILE A 149 -5.05 23.66 19.68
N ILE A 150 -3.87 23.65 20.28
CA ILE A 150 -3.48 24.65 21.27
C ILE A 150 -2.73 25.81 20.62
N LYS A 151 -2.73 25.87 19.29
CA LYS A 151 -1.99 26.90 18.55
C LYS A 151 -0.51 26.92 18.91
N PRO B 11 1.30 -0.47 -0.65
CA PRO B 11 -0.02 -0.79 -0.11
C PRO B 11 -0.05 -2.16 0.57
N ALA B 12 -1.07 -2.98 0.27
CA ALA B 12 -1.22 -4.31 0.88
C ALA B 12 -2.23 -5.08 0.05
N PRO B 13 -2.25 -6.41 0.17
CA PRO B 13 -3.19 -7.21 -0.63
C PRO B 13 -4.61 -7.10 -0.11
N VAL B 14 -5.55 -7.32 -1.03
CA VAL B 14 -6.99 -7.27 -0.74
C VAL B 14 -7.64 -8.49 -1.33
N GLU B 15 -8.59 -9.08 -0.58
CA GLU B 15 -9.38 -10.21 -1.05
C GLU B 15 -10.75 -9.70 -1.53
N VAL B 16 -11.22 -10.25 -2.64
CA VAL B 16 -12.52 -9.92 -3.20
C VAL B 16 -13.27 -11.23 -3.44
N THR B 17 -14.48 -11.36 -2.88
CA THR B 17 -15.25 -12.58 -3.06
C THR B 17 -16.66 -12.26 -3.55
N TYR B 18 -17.08 -12.97 -4.60
CA TYR B 18 -18.45 -12.90 -5.11
C TYR B 18 -18.75 -14.23 -5.78
N LYS B 19 -19.80 -14.90 -5.31
CA LYS B 19 -20.35 -16.12 -5.91
C LYS B 19 -19.26 -17.19 -6.12
N ASN B 20 -18.71 -17.65 -4.99
CA ASN B 20 -17.64 -18.67 -4.96
C ASN B 20 -16.35 -18.19 -5.63
N MET B 21 -16.41 -17.10 -6.38
CA MET B 21 -15.19 -16.48 -6.87
C MET B 21 -14.49 -15.73 -5.75
N ARG B 22 -13.17 -15.84 -5.68
CA ARG B 22 -12.36 -15.09 -4.74
C ARG B 22 -11.00 -14.79 -5.36
N PHE B 23 -10.59 -13.52 -5.30
CA PHE B 23 -9.34 -13.03 -5.87
C PHE B 23 -8.56 -12.27 -4.81
N LEU B 24 -7.28 -12.06 -5.09
CA LEU B 24 -6.40 -11.28 -4.22
C LEU B 24 -5.66 -10.25 -5.08
N ILE B 25 -6.15 -9.02 -5.08
CA ILE B 25 -5.46 -7.91 -5.73
C ILE B 25 -4.27 -7.52 -4.89
N THR B 26 -3.09 -7.52 -5.49
CA THR B 26 -1.86 -7.44 -4.75
C THR B 26 -0.87 -6.58 -5.52
N HIS B 27 0.30 -6.42 -4.94
CA HIS B 27 1.41 -5.64 -5.46
C HIS B 27 2.48 -6.57 -6.01
N ASN B 28 3.47 -5.95 -6.66
CA ASN B 28 4.66 -6.64 -7.15
C ASN B 28 5.66 -6.70 -6.01
N PRO B 29 5.98 -7.89 -5.48
CA PRO B 29 6.96 -7.99 -4.39
C PRO B 29 8.39 -7.85 -4.89
N THR B 30 9.32 -7.71 -3.96
CA THR B 30 10.73 -7.90 -4.28
C THR B 30 11.14 -9.31 -3.89
N ASN B 31 12.41 -9.66 -4.14
CA ASN B 31 12.87 -11.02 -3.93
C ASN B 31 13.02 -11.37 -2.46
N ALA B 32 13.28 -10.39 -1.59
CA ALA B 32 13.42 -10.65 -0.17
C ALA B 32 12.08 -10.72 0.55
N THR B 33 11.04 -10.04 0.06
CA THR B 33 9.72 -10.03 0.67
C THR B 33 8.91 -11.28 0.37
N LEU B 34 9.46 -12.18 -0.44
CA LEU B 34 8.62 -13.11 -1.18
C LEU B 34 8.20 -14.30 -0.32
N ASN B 35 8.92 -14.58 0.78
CA ASN B 35 8.48 -15.65 1.69
C ASN B 35 7.32 -15.18 2.56
N LYS B 36 7.38 -13.96 3.10
CA LYS B 36 6.22 -13.38 3.76
C LYS B 36 5.07 -13.21 2.76
N PHE B 37 5.40 -12.87 1.52
CA PHE B 37 4.43 -12.83 0.44
C PHE B 37 3.67 -14.15 0.33
N ILE B 38 4.39 -15.29 0.22
CA ILE B 38 3.71 -16.58 0.09
C ILE B 38 2.94 -16.92 1.36
N GLU B 39 3.42 -16.49 2.55
CA GLU B 39 2.58 -16.56 3.73
C GLU B 39 1.23 -15.91 3.45
N GLU B 40 1.24 -14.69 2.91
CA GLU B 40 -0.03 -14.01 2.64
C GLU B 40 -0.81 -14.67 1.50
N LEU B 41 -0.14 -15.23 0.49
CA LEU B 41 -0.86 -15.90 -0.58
C LEU B 41 -1.61 -17.11 -0.07
N LYS B 42 -0.99 -17.90 0.81
CA LYS B 42 -1.68 -19.03 1.40
C LYS B 42 -2.65 -18.62 2.49
N LYS B 43 -2.46 -17.43 3.09
CA LYS B 43 -3.38 -16.96 4.13
C LYS B 43 -4.76 -16.65 3.58
N TYR B 44 -4.88 -16.46 2.27
CA TYR B 44 -6.17 -16.36 1.60
C TYR B 44 -6.42 -17.55 0.69
N GLY B 45 -5.52 -18.52 0.69
CA GLY B 45 -5.69 -19.76 -0.05
C GLY B 45 -5.68 -19.61 -1.55
N VAL B 46 -4.72 -18.86 -2.09
CA VAL B 46 -4.62 -18.66 -3.53
C VAL B 46 -3.72 -19.76 -4.11
N THR B 47 -4.19 -20.39 -5.19
CA THR B 47 -3.49 -21.50 -5.83
C THR B 47 -2.82 -21.10 -7.14
N THR B 48 -3.10 -19.92 -7.68
CA THR B 48 -2.49 -19.45 -8.90
C THR B 48 -2.46 -17.93 -8.86
N ILE B 49 -1.40 -17.34 -9.44
CA ILE B 49 -1.17 -15.90 -9.45
C ILE B 49 -0.80 -15.48 -10.86
N VAL B 50 -1.40 -14.39 -11.35
CA VAL B 50 -1.22 -13.92 -12.71
C VAL B 50 -0.67 -12.51 -12.65
N ARG B 51 0.44 -12.29 -13.35
CA ARG B 51 1.24 -11.07 -13.23
C ARG B 51 1.06 -10.17 -14.44
N VAL B 52 0.86 -8.88 -14.19
CA VAL B 52 0.67 -7.91 -15.26
C VAL B 52 1.83 -6.92 -15.35
N CYS B 53 2.67 -6.79 -14.33
CA CYS B 53 3.82 -5.91 -14.39
C CYS B 53 5.00 -6.68 -14.99
N GLU B 54 6.19 -6.11 -14.88
CA GLU B 54 7.40 -6.68 -15.46
C GLU B 54 8.20 -7.42 -14.39
N ALA B 55 8.93 -8.45 -14.83
CA ALA B 55 9.61 -9.36 -13.93
C ALA B 55 10.69 -8.66 -13.11
N THR B 56 10.48 -8.54 -11.80
CA THR B 56 11.51 -8.06 -10.88
C THR B 56 11.98 -9.14 -9.92
N TYR B 57 11.54 -10.38 -10.11
CA TYR B 57 11.95 -11.51 -9.29
C TYR B 57 11.80 -12.79 -10.11
N ASP B 58 11.95 -13.93 -9.45
CA ASP B 58 11.89 -15.24 -10.10
C ASP B 58 10.78 -16.08 -9.49
N THR B 59 10.06 -16.82 -10.34
CA THR B 59 8.85 -17.51 -9.93
C THR B 59 9.02 -19.02 -9.90
N THR B 60 10.10 -19.51 -9.32
CA THR B 60 10.26 -20.95 -9.14
C THR B 60 9.98 -21.40 -7.72
N LEU B 61 10.27 -20.57 -6.72
CA LEU B 61 9.94 -20.93 -5.34
C LEU B 61 8.44 -20.78 -5.09
N VAL B 62 7.82 -19.72 -5.61
CA VAL B 62 6.38 -19.56 -5.47
C VAL B 62 5.66 -20.75 -6.07
N GLU B 63 6.22 -21.34 -7.12
CA GLU B 63 5.66 -22.58 -7.64
C GLU B 63 6.07 -23.79 -6.82
N LYS B 64 7.23 -23.74 -6.16
CA LYS B 64 7.63 -24.82 -5.26
C LYS B 64 6.82 -24.84 -3.98
N GLU B 65 6.18 -23.73 -3.61
CA GLU B 65 5.24 -23.68 -2.51
C GLU B 65 3.83 -24.02 -2.94
N GLY B 66 3.61 -24.35 -4.21
CA GLY B 66 2.37 -24.95 -4.66
C GLY B 66 1.48 -24.08 -5.54
N ILE B 67 1.82 -22.84 -5.85
CA ILE B 67 0.94 -21.93 -6.58
C ILE B 67 1.59 -21.56 -7.91
N HIS B 68 0.87 -21.77 -9.00
CA HIS B 68 1.42 -21.58 -10.34
C HIS B 68 1.44 -20.10 -10.69
N VAL B 69 2.46 -19.71 -11.46
CA VAL B 69 2.67 -18.32 -11.86
C VAL B 69 2.47 -18.21 -13.36
N LEU B 70 1.66 -17.24 -13.76
CA LEU B 70 1.37 -16.94 -15.15
C LEU B 70 1.75 -15.51 -15.42
N ASP B 71 2.69 -15.29 -16.33
CA ASP B 71 3.14 -13.94 -16.68
C ASP B 71 2.40 -13.49 -17.95
N TRP B 72 1.34 -12.70 -17.76
CA TRP B 72 0.61 -12.15 -18.89
C TRP B 72 0.73 -10.63 -18.88
N PRO B 73 1.84 -10.05 -19.32
CA PRO B 73 1.98 -8.60 -19.26
C PRO B 73 1.24 -7.92 -20.40
N PHE B 74 0.51 -6.84 -20.07
CA PHE B 74 0.06 -5.90 -21.08
C PHE B 74 0.39 -4.47 -20.67
N ASP B 75 -0.11 -3.50 -21.43
CA ASP B 75 0.41 -2.14 -21.38
C ASP B 75 0.03 -1.47 -20.05
N ASP B 76 1.02 -0.83 -19.44
CA ASP B 76 0.80 -0.12 -18.18
C ASP B 76 -0.15 1.04 -18.37
N GLY B 77 -1.15 1.14 -17.49
CA GLY B 77 -2.16 2.17 -17.56
C GLY B 77 -3.22 1.96 -18.62
N ALA B 78 -3.17 0.86 -19.37
CA ALA B 78 -4.03 0.61 -20.50
C ALA B 78 -4.94 -0.59 -20.27
N PRO B 79 -6.04 -0.68 -21.01
CA PRO B 79 -6.95 -1.84 -20.90
C PRO B 79 -6.32 -3.12 -21.43
N PRO B 80 -6.82 -4.28 -21.02
CA PRO B 80 -6.36 -5.54 -21.61
C PRO B 80 -6.99 -5.81 -22.97
N SER B 81 -6.20 -6.43 -23.83
CA SER B 81 -6.72 -6.86 -25.12
C SER B 81 -7.76 -7.94 -24.92
N ASN B 82 -8.54 -8.21 -25.99
CA ASN B 82 -9.61 -9.18 -25.85
C ASN B 82 -9.08 -10.60 -25.69
N GLN B 83 -7.90 -10.89 -26.22
CA GLN B 83 -7.28 -12.19 -26.01
C GLN B 83 -6.98 -12.42 -24.53
N ILE B 84 -6.36 -11.43 -23.88
CA ILE B 84 -6.10 -11.55 -22.45
C ILE B 84 -7.40 -11.68 -21.67
N VAL B 85 -8.46 -11.00 -22.13
CA VAL B 85 -9.75 -11.12 -21.45
C VAL B 85 -10.29 -12.54 -21.53
N ASP B 86 -10.26 -13.14 -22.72
CA ASP B 86 -10.82 -14.49 -22.86
C ASP B 86 -9.96 -15.54 -22.17
N ASP B 87 -8.64 -15.46 -22.33
CA ASP B 87 -7.74 -16.30 -21.54
C ASP B 87 -8.03 -16.19 -20.05
N TRP B 88 -8.34 -14.96 -19.60
CA TRP B 88 -8.58 -14.71 -18.19
C TRP B 88 -9.88 -15.36 -17.71
N LEU B 89 -10.96 -15.17 -18.48
CA LEU B 89 -12.25 -15.76 -18.11
C LEU B 89 -12.18 -17.29 -18.14
N SER B 90 -11.61 -17.85 -19.20
CA SER B 90 -11.41 -19.30 -19.23
C SER B 90 -10.56 -19.75 -18.06
N LEU B 91 -9.61 -18.93 -17.62
CA LEU B 91 -8.79 -19.32 -16.48
C LEU B 91 -9.62 -19.37 -15.21
N VAL B 92 -10.44 -18.35 -14.95
CA VAL B 92 -11.25 -18.36 -13.73
C VAL B 92 -12.23 -19.53 -13.77
N LYS B 93 -12.80 -19.82 -14.94
CA LYS B 93 -13.69 -20.95 -15.06
C LYS B 93 -12.97 -22.24 -14.68
N ILE B 94 -11.86 -22.54 -15.38
CA ILE B 94 -11.15 -23.79 -15.18
C ILE B 94 -10.74 -23.96 -13.72
N LYS B 95 -10.09 -22.93 -13.15
CA LYS B 95 -9.54 -23.11 -11.81
C LYS B 95 -10.61 -23.10 -10.74
N PHE B 96 -11.73 -22.41 -10.97
CA PHE B 96 -12.78 -22.36 -9.94
C PHE B 96 -13.73 -23.55 -10.00
N ARG B 97 -13.72 -24.32 -11.09
CA ARG B 97 -14.39 -25.62 -11.05
C ARG B 97 -13.42 -26.76 -10.78
N GLU B 98 -12.12 -26.52 -10.91
CA GLU B 98 -11.13 -27.47 -10.41
C GLU B 98 -11.11 -27.47 -8.89
N GLU B 99 -11.17 -26.28 -8.26
CA GLU B 99 -11.10 -26.15 -6.81
C GLU B 99 -11.97 -24.98 -6.35
N PRO B 100 -13.26 -25.23 -6.13
CA PRO B 100 -14.15 -24.14 -5.71
C PRO B 100 -13.80 -23.64 -4.32
N GLY B 101 -14.21 -22.40 -4.04
CA GLY B 101 -13.85 -21.75 -2.80
C GLY B 101 -12.40 -21.33 -2.68
N CYS B 102 -11.54 -21.78 -3.59
CA CYS B 102 -10.16 -21.35 -3.61
C CYS B 102 -10.06 -19.92 -4.12
N CYS B 103 -8.84 -19.43 -4.28
CA CYS B 103 -8.61 -18.02 -4.59
C CYS B 103 -7.45 -17.88 -5.57
N ILE B 104 -7.60 -16.97 -6.53
CA ILE B 104 -6.58 -16.71 -7.53
C ILE B 104 -6.16 -15.24 -7.42
N ALA B 105 -4.85 -15.01 -7.37
CA ALA B 105 -4.31 -13.68 -7.15
C ALA B 105 -3.90 -13.04 -8.46
N VAL B 106 -4.11 -11.73 -8.56
CA VAL B 106 -3.65 -10.92 -9.68
C VAL B 106 -2.85 -9.77 -9.09
N HIS B 107 -1.78 -9.36 -9.77
CA HIS B 107 -1.03 -8.25 -9.19
C HIS B 107 -0.43 -7.33 -10.26
N ASP B 108 -0.67 -6.04 -10.05
CA ASP B 108 -0.06 -4.93 -10.78
C ASP B 108 1.24 -4.55 -10.05
N VAL B 109 1.73 -3.31 -10.25
CA VAL B 109 2.85 -2.85 -9.44
C VAL B 109 2.44 -2.66 -7.99
N ALA B 110 1.37 -1.88 -7.76
CA ALA B 110 0.79 -1.77 -6.44
C ALA B 110 -0.62 -2.35 -6.37
N GLY B 111 -1.25 -2.64 -7.50
CA GLY B 111 -2.60 -3.14 -7.51
C GLY B 111 -3.62 -2.03 -7.67
N LEU B 112 -3.37 -1.10 -8.58
CA LEU B 112 -4.19 0.09 -8.70
C LEU B 112 -4.52 0.42 -10.16
N GLY B 113 -4.63 -0.60 -11.01
CA GLY B 113 -4.98 -0.33 -12.40
C GLY B 113 -5.36 -1.55 -13.20
N ARG B 114 -4.39 -2.14 -13.88
CA ARG B 114 -4.64 -3.28 -14.75
C ARG B 114 -5.24 -4.44 -13.97
N ALA B 115 -4.57 -4.86 -12.89
CA ALA B 115 -5.05 -5.99 -12.10
C ALA B 115 -6.47 -5.78 -11.58
N PRO B 116 -6.80 -4.66 -10.93
CA PRO B 116 -8.21 -4.43 -10.58
C PRO B 116 -9.13 -4.41 -11.78
N VAL B 117 -8.63 -4.03 -12.96
CA VAL B 117 -9.47 -4.08 -14.16
C VAL B 117 -9.83 -5.53 -14.47
N LEU B 118 -8.86 -6.44 -14.38
CA LEU B 118 -9.17 -7.86 -14.61
C LEU B 118 -10.18 -8.37 -13.59
N VAL B 119 -9.92 -8.15 -12.30
CA VAL B 119 -10.92 -8.54 -11.30
C VAL B 119 -12.27 -7.96 -11.65
N ALA B 120 -12.29 -6.69 -12.09
CA ALA B 120 -13.52 -6.00 -12.48
C ALA B 120 -14.27 -6.77 -13.55
N LEU B 121 -13.56 -7.23 -14.59
CA LEU B 121 -14.22 -7.98 -15.65
C LEU B 121 -14.74 -9.31 -15.11
N ALA B 122 -14.03 -9.90 -14.14
CA ALA B 122 -14.49 -11.17 -13.57
C ALA B 122 -15.81 -11.00 -12.83
N LEU B 123 -15.91 -10.04 -11.89
CA LEU B 123 -17.19 -9.93 -11.22
C LEU B 123 -18.25 -9.24 -12.07
N ILE B 124 -17.88 -8.60 -13.18
CA ILE B 124 -18.89 -8.04 -14.07
C ILE B 124 -19.45 -9.12 -14.98
N GLU B 125 -18.64 -10.12 -15.36
CA GLU B 125 -19.16 -11.30 -16.03
C GLU B 125 -19.88 -12.24 -15.06
N GLY B 126 -19.58 -12.13 -13.77
CA GLY B 126 -20.19 -12.93 -12.72
C GLY B 126 -21.54 -12.45 -12.25
N GLY B 127 -22.04 -11.33 -12.76
CA GLY B 127 -23.39 -10.87 -12.49
C GLY B 127 -23.45 -9.47 -11.89
N MET B 128 -22.43 -9.07 -11.13
CA MET B 128 -22.45 -7.78 -10.47
C MET B 128 -22.31 -6.65 -11.49
N LYS B 129 -23.08 -5.58 -11.30
CA LYS B 129 -23.17 -4.51 -12.27
C LYS B 129 -21.87 -3.70 -12.33
N TYR B 130 -21.88 -2.69 -13.19
CA TYR B 130 -20.69 -1.88 -13.44
C TYR B 130 -20.41 -0.94 -12.26
N GLU B 131 -21.39 -0.12 -11.88
CA GLU B 131 -21.22 0.78 -10.75
C GLU B 131 -21.05 0.02 -9.45
N ASP B 132 -21.80 -1.08 -9.28
CA ASP B 132 -21.68 -1.88 -8.07
C ASP B 132 -20.29 -2.51 -7.95
N ALA B 133 -19.70 -2.93 -9.07
CA ALA B 133 -18.37 -3.53 -9.05
C ALA B 133 -17.30 -2.48 -8.79
N VAL B 134 -17.36 -1.35 -9.50
CA VAL B 134 -16.34 -0.32 -9.32
C VAL B 134 -16.38 0.22 -7.89
N GLN B 135 -17.59 0.52 -7.39
CA GLN B 135 -17.72 0.95 -6.00
C GLN B 135 -17.40 -0.18 -5.02
N PHE B 136 -17.46 -1.44 -5.47
CA PHE B 136 -17.06 -2.55 -4.63
C PHE B 136 -15.55 -2.62 -4.49
N ILE B 137 -14.83 -2.31 -5.58
CA ILE B 137 -13.37 -2.40 -5.56
C ILE B 137 -12.76 -1.18 -4.87
N ARG B 138 -13.22 0.03 -5.21
CA ARG B 138 -12.61 1.21 -4.58
C ARG B 138 -12.96 1.36 -3.12
N GLN B 139 -14.06 0.75 -2.63
CA GLN B 139 -14.18 0.54 -1.20
C GLN B 139 -12.94 -0.15 -0.67
N LYS B 140 -12.57 -1.25 -1.28
CA LYS B 140 -11.52 -2.12 -0.76
C LYS B 140 -10.11 -1.58 -1.02
N ARG B 141 -9.93 -0.70 -2.01
CA ARG B 141 -8.69 0.07 -2.10
C ARG B 141 -8.98 1.34 -2.88
N ARG B 142 -8.71 2.48 -2.24
CA ARG B 142 -9.21 3.76 -2.73
C ARG B 142 -8.46 4.21 -3.98
N GLY B 143 -9.22 4.73 -4.95
CA GLY B 143 -8.62 5.28 -6.16
C GLY B 143 -8.11 4.25 -7.14
N ALA B 144 -8.86 3.17 -7.36
CA ALA B 144 -8.31 2.01 -8.03
C ALA B 144 -8.14 2.19 -9.54
N PHE B 145 -8.96 3.01 -10.19
CA PHE B 145 -8.99 3.03 -11.65
C PHE B 145 -8.70 4.43 -12.19
N ASN B 146 -8.04 4.49 -13.35
CA ASN B 146 -7.76 5.74 -14.05
C ASN B 146 -8.54 5.81 -15.35
N SER B 147 -8.56 7.02 -15.93
CA SER B 147 -9.51 7.36 -16.99
C SER B 147 -9.49 6.35 -18.13
N LYS B 148 -8.29 5.99 -18.61
CA LYS B 148 -8.19 5.04 -19.71
C LYS B 148 -8.83 3.70 -19.38
N GLN B 149 -8.83 3.30 -18.10
CA GLN B 149 -9.47 2.05 -17.70
C GLN B 149 -10.93 2.23 -17.32
N LEU B 150 -11.33 3.39 -16.81
CA LEU B 150 -12.75 3.68 -16.67
C LEU B 150 -13.45 3.57 -18.01
N LEU B 151 -12.83 4.07 -19.08
CA LEU B 151 -13.42 4.00 -20.41
C LEU B 151 -13.71 2.56 -20.80
N TYR B 152 -12.73 1.67 -20.64
CA TYR B 152 -12.94 0.26 -20.98
C TYR B 152 -14.05 -0.34 -20.13
N LEU B 153 -13.87 -0.35 -18.80
CA LEU B 153 -14.86 -1.00 -17.94
C LEU B 153 -16.25 -0.45 -18.19
N GLU B 154 -16.36 0.82 -18.60
CA GLU B 154 -17.67 1.38 -18.93
C GLU B 154 -18.20 0.80 -20.24
N LYS B 155 -17.37 0.79 -21.29
CA LYS B 155 -17.80 0.35 -22.62
C LYS B 155 -17.60 -1.14 -22.86
N TYR B 156 -17.37 -1.93 -21.80
CA TYR B 156 -17.22 -3.37 -21.95
C TYR B 156 -18.59 -4.04 -22.01
N ARG B 157 -18.69 -5.08 -22.84
CA ARG B 157 -19.95 -5.81 -23.02
C ARG B 157 -19.87 -7.15 -22.31
N PRO B 158 -20.74 -7.44 -21.35
CA PRO B 158 -20.69 -8.73 -20.65
C PRO B 158 -21.19 -9.87 -21.53
N LYS B 159 -20.96 -11.09 -21.04
CA LYS B 159 -21.33 -12.29 -21.78
C LYS B 159 -21.98 -13.37 -20.91
N MET B 160 -22.12 -13.16 -19.61
CA MET B 160 -22.70 -14.15 -18.69
C MET B 160 -21.89 -15.44 -18.68
N ARG B 161 -20.56 -15.31 -18.74
CA ARG B 161 -19.65 -16.45 -18.76
C ARG B 161 -19.34 -16.93 -17.34
#